data_3P63
#
_entry.id   3P63
#
_cell.length_a   58.997
_cell.length_b   58.997
_cell.length_c   55.898
_cell.angle_alpha   90.00
_cell.angle_beta   90.00
_cell.angle_gamma   90.00
#
_symmetry.space_group_name_H-M   'P 41'
#
loop_
_entity.id
_entity.type
_entity.pdbx_description
1 polymer Ferredoxin
2 non-polymer 'FE2/S2 (INORGANIC) CLUSTER'
#
_entity_poly.entity_id   1
_entity_poly.type   'polypeptide(L)'
_entity_poly.pdbx_seq_one_letter_code
;ATYKVTLINPTGNKTIEVPDDQYILDAAEEAGIDLPYSCRAGACSTCAGKLISGTVDQSDQSFLDDDQIEAGYVLTCVAY
PTSDCVIETHKEEELY
;
_entity_poly.pdbx_strand_id   A,B
#
loop_
_chem_comp.id
_chem_comp.type
_chem_comp.name
_chem_comp.formula
FES non-polymer 'FE2/S2 (INORGANIC) CLUSTER' 'Fe2 S2'
#
# COMPACT_ATOMS: atom_id res chain seq x y z
N ALA A 1 3.93 9.55 18.25
CA ALA A 1 3.02 8.76 17.38
C ALA A 1 3.79 7.61 16.75
N THR A 2 3.13 6.47 16.56
CA THR A 2 3.70 5.29 15.93
C THR A 2 2.79 5.03 14.74
N TYR A 3 3.37 4.90 13.55
CA TYR A 3 2.64 4.95 12.33
C TYR A 3 2.83 3.68 11.55
N LYS A 4 1.79 3.31 10.81
CA LYS A 4 1.87 2.10 10.02
C LYS A 4 2.51 2.41 8.74
N VAL A 5 3.51 1.61 8.42
CA VAL A 5 4.21 1.78 7.19
C VAL A 5 4.04 0.49 6.42
N THR A 6 3.47 0.57 5.22
CA THR A 6 3.37 -0.65 4.42
C THR A 6 4.53 -0.68 3.43
N LEU A 7 5.34 -1.74 3.46
CA LEU A 7 6.41 -1.82 2.43
C LEU A 7 6.08 -2.82 1.34
N ILE A 8 6.06 -2.31 0.12
CA ILE A 8 5.77 -3.12 -1.03
C ILE A 8 7.05 -3.35 -1.81
N ASN A 9 7.46 -4.61 -1.85
CA ASN A 9 8.58 -5.04 -2.67
C ASN A 9 8.16 -5.84 -3.91
N PRO A 10 9.11 -6.17 -4.82
CA PRO A 10 8.80 -6.78 -6.12
C PRO A 10 7.83 -7.95 -6.06
N THR A 11 8.00 -8.81 -5.04
CA THR A 11 7.20 -10.03 -4.90
C THR A 11 6.07 -10.05 -3.85
N GLY A 12 6.07 -9.13 -2.87
CA GLY A 12 5.01 -9.11 -1.82
C GLY A 12 4.97 -7.87 -0.94
N ASN A 13 4.24 -7.92 0.17
CA ASN A 13 4.11 -6.74 1.02
C ASN A 13 4.00 -7.03 2.50
N LYS A 14 4.46 -6.06 3.31
CA LYS A 14 4.55 -6.19 4.76
C LYS A 14 4.27 -4.85 5.43
N THR A 15 3.35 -4.85 6.42
CA THR A 15 3.14 -3.71 7.28
C THR A 15 3.93 -3.85 8.59
N ILE A 16 4.50 -2.72 9.03
CA ILE A 16 5.24 -2.63 10.28
C ILE A 16 4.79 -1.34 10.98
N GLU A 17 4.92 -1.28 12.31
CA GLU A 17 4.63 -0.04 13.06
C GLU A 17 5.92 0.70 13.33
N VAL A 18 6.09 1.88 12.72
CA VAL A 18 7.31 2.64 12.82
C VAL A 18 7.03 3.87 13.70
N PRO A 19 7.67 3.98 14.89
CA PRO A 19 7.60 5.19 15.73
C PRO A 19 8.06 6.38 14.89
N ASP A 20 7.59 7.58 15.16
CA ASP A 20 7.82 8.74 14.27
C ASP A 20 9.20 9.45 14.45
N ASP A 21 10.04 8.89 15.30
CA ASP A 21 11.40 9.36 15.50
C ASP A 21 12.43 8.25 15.17
N GLN A 22 11.98 7.24 14.42
CA GLN A 22 12.86 6.21 13.90
C GLN A 22 12.74 6.17 12.38
N TYR A 23 13.88 6.09 11.71
CA TYR A 23 13.97 5.99 10.26
C TYR A 23 13.30 4.75 9.71
N ILE A 24 12.59 4.88 8.59
CA ILE A 24 11.91 3.72 7.98
C ILE A 24 12.84 2.53 7.83
N LEU A 25 14.07 2.81 7.41
CA LEU A 25 15.10 1.79 7.27
C LEU A 25 15.43 1.10 8.59
N ASP A 26 15.86 1.85 9.59
CA ASP A 26 16.09 1.30 10.94
C ASP A 26 14.97 0.38 11.44
N ALA A 27 13.72 0.84 11.40
CA ALA A 27 12.58 0.00 11.84
C ALA A 27 12.41 -1.23 10.99
N ALA A 28 12.54 -1.07 9.68
CA ALA A 28 12.43 -2.22 8.77
C ALA A 28 13.38 -3.34 9.17
N GLU A 29 14.64 -2.99 9.41
CA GLU A 29 15.65 -4.00 9.74
C GLU A 29 15.33 -4.66 11.06
N GLU A 30 15.02 -3.84 12.06
CA GLU A 30 14.53 -4.25 13.35
C GLU A 30 13.42 -5.31 13.22
N ALA A 31 12.62 -5.23 12.16
CA ALA A 31 11.54 -6.21 11.94
C ALA A 31 11.95 -7.41 11.08
N GLY A 32 13.24 -7.52 10.77
CA GLY A 32 13.76 -8.59 9.93
C GLY A 32 13.61 -8.39 8.43
N ILE A 33 13.26 -7.16 8.03
CA ILE A 33 13.17 -6.83 6.61
C ILE A 33 14.50 -6.33 6.09
N ASP A 34 14.93 -6.92 4.98
CA ASP A 34 16.20 -6.55 4.31
C ASP A 34 15.93 -5.64 3.12
N LEU A 35 16.25 -4.36 3.29
CA LEU A 35 16.14 -3.35 2.26
C LEU A 35 17.57 -3.04 1.75
N PRO A 36 17.69 -2.49 0.53
CA PRO A 36 19.03 -2.06 0.08
C PRO A 36 19.44 -0.76 0.79
N TYR A 37 20.74 -0.62 1.06
CA TYR A 37 21.29 0.62 1.60
C TYR A 37 22.76 0.78 1.23
N SER A 38 23.31 1.98 1.41
CA SER A 38 24.70 2.21 1.10
C SER A 38 25.28 3.18 2.10
N CYS A 39 25.13 4.48 1.83
CA CYS A 39 25.64 5.53 2.70
C CYS A 39 24.93 5.61 4.07
N ARG A 40 23.61 5.39 4.06
CA ARG A 40 22.75 5.54 5.24
C ARG A 40 22.83 6.97 5.78
N ALA A 41 22.87 7.96 4.89
CA ALA A 41 23.10 9.36 5.32
C ALA A 41 22.43 10.39 4.43
N GLY A 42 21.60 9.92 3.51
CA GLY A 42 20.69 10.76 2.73
C GLY A 42 21.39 11.32 1.54
N ALA A 43 22.45 10.65 1.12
CA ALA A 43 23.36 11.19 0.12
C ALA A 43 23.58 10.35 -1.16
N CYS A 44 22.89 9.21 -1.28
CA CYS A 44 22.88 8.36 -2.50
C CYS A 44 21.46 7.89 -2.87
N SER A 45 21.37 6.98 -3.83
CA SER A 45 20.06 6.61 -4.34
C SER A 45 19.67 5.20 -3.92
N THR A 46 20.66 4.44 -3.45
CA THR A 46 20.55 3.00 -3.12
C THR A 46 19.30 2.53 -2.32
N CYS A 47 18.77 3.42 -1.47
CA CYS A 47 17.76 3.04 -0.48
C CYS A 47 16.38 3.61 -0.84
N ALA A 48 16.30 4.24 -2.02
CA ALA A 48 15.13 4.98 -2.40
C ALA A 48 13.88 4.11 -2.48
N GLY A 49 12.76 4.76 -2.21
CA GLY A 49 11.47 4.11 -2.27
C GLY A 49 10.59 5.09 -2.98
N LYS A 50 9.31 4.77 -3.06
CA LYS A 50 8.37 5.64 -3.71
C LYS A 50 7.09 5.64 -2.91
N LEU A 51 6.75 6.80 -2.34
CA LEU A 51 5.51 6.91 -1.58
C LEU A 51 4.34 6.77 -2.55
N ILE A 52 3.34 5.96 -2.17
CA ILE A 52 2.10 5.79 -2.98
C ILE A 52 1.01 6.47 -2.22
N SER A 53 1.16 6.55 -0.92
CA SER A 53 0.18 7.13 -0.03
C SER A 53 0.79 7.42 1.35
N GLY A 54 0.24 8.41 2.05
CA GLY A 54 0.75 8.90 3.35
C GLY A 54 1.86 9.95 3.20
N THR A 55 2.52 10.32 4.30
CA THR A 55 3.62 11.29 4.27
C THR A 55 4.84 10.88 5.11
N VAL A 56 6.00 11.37 4.69
CA VAL A 56 7.22 11.20 5.46
C VAL A 56 7.87 12.56 5.67
N ASP A 57 8.73 12.65 6.68
CA ASP A 57 9.63 13.78 6.85
C ASP A 57 11.05 13.28 6.57
N GLN A 58 11.61 13.67 5.43
CA GLN A 58 13.00 13.33 5.06
C GLN A 58 13.85 14.60 4.91
N SER A 59 13.72 15.47 5.91
CA SER A 59 14.41 16.74 5.97
C SER A 59 15.91 16.54 6.03
N ASP A 60 16.35 15.38 6.53
CA ASP A 60 17.75 15.03 6.65
C ASP A 60 18.38 14.58 5.32
N GLN A 61 17.61 14.60 4.23
CA GLN A 61 18.09 14.11 2.93
C GLN A 61 18.66 15.24 2.12
N SER A 62 19.59 14.90 1.22
CA SER A 62 20.21 15.92 0.39
C SER A 62 20.30 15.54 -1.08
N PHE A 63 20.10 14.26 -1.37
CA PHE A 63 20.22 13.73 -2.74
C PHE A 63 19.06 14.05 -3.69
N LEU A 64 17.82 14.01 -3.19
CA LEU A 64 16.63 14.22 -4.03
C LEU A 64 16.39 15.69 -4.33
N ASP A 65 16.15 16.01 -5.61
CA ASP A 65 15.82 17.37 -6.01
C ASP A 65 14.33 17.64 -5.81
N ASP A 66 13.97 18.94 -5.77
CA ASP A 66 12.58 19.34 -5.53
C ASP A 66 11.50 18.62 -6.36
N ASP A 67 11.86 18.02 -7.51
CA ASP A 67 10.92 17.28 -8.35
C ASP A 67 10.87 15.77 -8.15
N GLN A 68 12.01 15.18 -7.77
CA GLN A 68 11.98 13.81 -7.30
C GLN A 68 11.12 13.72 -6.02
N ILE A 69 11.35 14.63 -5.08
CA ILE A 69 10.51 14.74 -3.88
C ILE A 69 9.00 14.87 -4.19
N GLU A 70 8.62 15.83 -5.03
CA GLU A 70 7.21 16.09 -5.27
C GLU A 70 6.56 14.85 -5.87
N ALA A 71 7.28 14.21 -6.78
CA ALA A 71 6.89 12.94 -7.41
C ALA A 71 6.82 11.74 -6.43
N GLY A 72 7.28 11.94 -5.21
CA GLY A 72 7.17 10.90 -4.16
C GLY A 72 8.36 10.00 -3.83
N TYR A 73 9.55 10.34 -4.29
CA TYR A 73 10.68 9.50 -3.92
C TYR A 73 11.09 9.80 -2.49
N VAL A 74 11.67 8.78 -1.85
CA VAL A 74 12.03 8.84 -0.45
C VAL A 74 13.32 8.07 -0.25
N LEU A 75 14.23 8.66 0.50
CA LEU A 75 15.43 7.93 0.86
C LEU A 75 15.12 7.34 2.20
N THR A 76 14.80 6.06 2.20
CA THR A 76 14.28 5.37 3.37
C THR A 76 15.23 5.37 4.60
N CYS A 77 16.54 5.52 4.36
CA CYS A 77 17.52 5.53 5.45
C CYS A 77 17.39 6.81 6.26
N VAL A 78 16.94 7.91 5.65
CA VAL A 78 16.71 9.18 6.37
C VAL A 78 15.23 9.70 6.54
N ALA A 79 14.22 8.87 6.27
CA ALA A 79 12.82 9.35 6.36
C ALA A 79 12.12 8.84 7.58
N TYR A 80 11.50 9.78 8.30
CA TYR A 80 10.54 9.41 9.34
C TYR A 80 9.15 9.47 8.74
N PRO A 81 8.30 8.52 9.10
CA PRO A 81 6.93 8.63 8.66
C PRO A 81 6.22 9.78 9.43
N THR A 82 5.37 10.55 8.75
CA THR A 82 4.48 11.54 9.37
C THR A 82 2.99 11.14 9.37
N SER A 83 2.67 9.95 8.85
CA SER A 83 1.33 9.34 8.87
C SER A 83 1.45 7.87 8.47
N ASP A 84 0.37 7.08 8.59
CA ASP A 84 0.34 5.74 8.04
C ASP A 84 0.70 5.91 6.57
N CYS A 85 1.67 5.19 6.07
CA CYS A 85 1.99 5.35 4.65
C CYS A 85 2.28 4.05 3.89
N VAL A 86 2.47 4.17 2.60
CA VAL A 86 2.70 3.01 1.78
C VAL A 86 3.83 3.40 0.90
N ILE A 87 4.87 2.58 0.83
CA ILE A 87 6.06 2.90 0.03
C ILE A 87 6.45 1.69 -0.84
N GLU A 88 6.66 1.88 -2.13
CA GLU A 88 7.26 0.82 -2.95
C GLU A 88 8.76 0.98 -2.77
N THR A 89 9.43 -0.08 -2.37
CA THR A 89 10.84 -0.05 -2.12
C THR A 89 11.62 -0.61 -3.34
N HIS A 90 12.96 -0.71 -3.23
CA HIS A 90 13.89 -1.00 -4.36
C HIS A 90 13.61 -0.11 -5.60
N LYS A 91 13.58 1.21 -5.39
CA LYS A 91 13.33 2.17 -6.46
C LYS A 91 14.59 2.92 -6.91
N GLU A 92 15.76 2.37 -6.56
CA GLU A 92 17.07 2.99 -6.81
C GLU A 92 17.23 3.47 -8.26
N GLU A 93 16.92 2.60 -9.22
CA GLU A 93 17.24 2.86 -10.61
C GLU A 93 16.34 3.89 -11.29
N GLU A 94 15.14 4.13 -10.78
CA GLU A 94 14.32 5.25 -11.26
C GLU A 94 15.03 6.61 -11.07
N LEU A 95 16.10 6.61 -10.26
CA LEU A 95 17.04 7.75 -10.18
C LEU A 95 18.37 7.40 -10.88
N ALA B 1 -6.32 -17.88 9.36
CA ALA B 1 -5.66 -16.80 8.58
C ALA B 1 -6.48 -15.53 8.64
N THR B 2 -5.89 -14.49 9.24
CA THR B 2 -6.42 -13.13 9.15
C THR B 2 -5.34 -12.31 8.42
N TYR B 3 -5.75 -11.56 7.40
CA TYR B 3 -4.80 -10.85 6.59
C TYR B 3 -5.00 -9.37 6.74
N LYS B 4 -3.91 -8.63 6.59
CA LYS B 4 -3.94 -7.19 6.63
C LYS B 4 -4.27 -6.69 5.24
N VAL B 5 -5.13 -5.69 5.17
CA VAL B 5 -5.51 -5.17 3.88
C VAL B 5 -5.32 -3.67 4.01
N THR B 6 -4.51 -3.13 3.12
CA THR B 6 -4.27 -1.73 3.15
C THR B 6 -5.12 -1.13 2.09
N LEU B 7 -5.99 -0.23 2.49
CA LEU B 7 -6.87 0.44 1.57
C LEU B 7 -6.38 1.86 1.31
N ILE B 8 -5.97 2.14 0.09
CA ILE B 8 -5.60 3.48 -0.25
C ILE B 8 -6.85 4.22 -0.76
N ASN B 9 -7.47 5.03 0.12
CA ASN B 9 -8.72 5.77 -0.16
C ASN B 9 -8.45 7.20 -0.65
N PRO B 10 -9.49 7.93 -1.08
CA PRO B 10 -9.23 9.35 -1.38
C PRO B 10 -8.90 10.16 -0.11
N THR B 11 -9.45 9.75 1.04
CA THR B 11 -9.12 10.44 2.31
C THR B 11 -7.71 10.13 2.83
N GLY B 12 -7.16 9.00 2.42
CA GLY B 12 -5.82 8.61 2.84
C GLY B 12 -5.67 7.12 2.71
N ASN B 13 -5.26 6.45 3.78
CA ASN B 13 -5.03 5.01 3.73
C ASN B 13 -5.14 4.40 5.09
N LYS B 14 -5.76 3.23 5.15
CA LYS B 14 -6.01 2.53 6.39
C LYS B 14 -5.81 1.02 6.20
N THR B 15 -5.25 0.40 7.22
CA THR B 15 -4.99 -1.02 7.24
C THR B 15 -6.00 -1.65 8.19
N ILE B 16 -6.70 -2.69 7.72
CA ILE B 16 -7.64 -3.43 8.56
C ILE B 16 -7.24 -4.87 8.61
N GLU B 17 -7.68 -5.60 9.62
CA GLU B 17 -7.46 -7.03 9.69
C GLU B 17 -8.72 -7.75 9.21
N VAL B 18 -8.58 -8.54 8.15
CA VAL B 18 -9.69 -9.26 7.53
C VAL B 18 -9.51 -10.79 7.50
N PRO B 19 -10.44 -11.54 8.14
CA PRO B 19 -10.36 -13.00 8.13
C PRO B 19 -10.45 -13.46 6.71
N ASP B 20 -9.78 -14.57 6.37
CA ASP B 20 -9.87 -15.14 5.01
C ASP B 20 -11.25 -15.73 4.66
N ASP B 21 -12.16 -15.77 5.64
CA ASP B 21 -13.55 -16.14 5.43
C ASP B 21 -14.46 -14.94 5.06
N GLN B 22 -13.88 -13.74 4.87
CA GLN B 22 -14.66 -12.49 4.77
C GLN B 22 -14.36 -11.59 3.55
N TYR B 23 -15.37 -10.90 3.05
CA TYR B 23 -15.20 -10.03 1.91
C TYR B 23 -14.61 -8.70 2.36
N ILE B 24 -13.69 -8.20 1.56
CA ILE B 24 -13.01 -6.95 1.83
C ILE B 24 -13.95 -5.83 2.14
N LEU B 25 -14.98 -5.64 1.30
CA LEU B 25 -15.99 -4.61 1.56
C LEU B 25 -16.69 -4.82 2.88
N ASP B 26 -17.13 -6.05 3.15
CA ASP B 26 -17.86 -6.34 4.38
C ASP B 26 -16.99 -6.02 5.60
N ALA B 27 -15.65 -6.12 5.45
CA ALA B 27 -14.74 -5.88 6.56
C ALA B 27 -14.40 -4.40 6.75
N ALA B 28 -14.31 -3.66 5.64
CA ALA B 28 -14.09 -2.24 5.69
C ALA B 28 -15.29 -1.59 6.35
N GLU B 29 -16.48 -2.09 6.01
CA GLU B 29 -17.71 -1.58 6.58
C GLU B 29 -17.73 -1.77 8.08
N GLU B 30 -17.44 -2.98 8.56
CA GLU B 30 -17.37 -3.24 10.01
C GLU B 30 -16.39 -2.33 10.76
N ALA B 31 -15.40 -1.80 10.05
CA ALA B 31 -14.41 -0.92 10.64
C ALA B 31 -14.67 0.55 10.37
N GLY B 32 -15.83 0.85 9.81
CA GLY B 32 -16.25 2.23 9.63
C GLY B 32 -15.64 2.98 8.45
N ILE B 33 -14.90 2.27 7.59
CA ILE B 33 -14.47 2.86 6.31
C ILE B 33 -15.71 2.92 5.41
N ASP B 34 -15.96 4.08 4.80
CA ASP B 34 -17.15 4.23 3.92
C ASP B 34 -16.78 4.10 2.43
N LEU B 35 -16.77 2.85 1.93
CA LEU B 35 -16.46 2.57 0.52
C LEU B 35 -17.74 2.52 -0.31
N PRO B 36 -17.62 2.76 -1.63
CA PRO B 36 -18.77 2.74 -2.53
C PRO B 36 -19.22 1.31 -2.85
N TYR B 37 -20.53 1.17 -3.01
CA TYR B 37 -21.09 -0.08 -3.43
C TYR B 37 -22.35 0.17 -4.25
N SER B 38 -22.72 -0.79 -5.09
CA SER B 38 -24.02 -0.80 -5.70
C SER B 38 -24.71 -2.16 -5.52
N CYS B 39 -24.39 -3.13 -6.38
CA CYS B 39 -25.07 -4.42 -6.34
C CYS B 39 -24.64 -5.32 -5.17
N ARG B 40 -23.45 -5.06 -4.63
CA ARG B 40 -22.85 -5.90 -3.58
C ARG B 40 -22.88 -7.36 -3.99
N ALA B 41 -22.67 -7.64 -5.28
CA ALA B 41 -22.87 -8.99 -5.78
C ALA B 41 -21.93 -9.44 -6.87
N GLY B 42 -21.06 -8.54 -7.34
CA GLY B 42 -20.09 -8.89 -8.38
C GLY B 42 -20.48 -8.78 -9.85
N ALA B 43 -21.47 -7.94 -10.15
CA ALA B 43 -21.94 -7.73 -11.55
C ALA B 43 -22.06 -6.27 -11.99
N CYS B 44 -21.69 -5.36 -11.09
CA CYS B 44 -21.52 -3.97 -11.47
C CYS B 44 -20.04 -3.63 -11.27
N SER B 45 -19.68 -2.36 -11.33
CA SER B 45 -18.28 -1.97 -11.20
C SER B 45 -18.08 -0.92 -10.12
N THR B 46 -19.15 -0.59 -9.37
CA THR B 46 -19.13 0.51 -8.37
C THR B 46 -18.16 0.31 -7.19
N CYS B 47 -17.82 -0.94 -6.88
CA CYS B 47 -16.99 -1.20 -5.71
C CYS B 47 -15.54 -1.53 -6.12
N ALA B 48 -15.22 -1.29 -7.39
CA ALA B 48 -13.95 -1.68 -7.98
C ALA B 48 -12.74 -1.09 -7.25
N GLY B 49 -11.72 -1.91 -7.03
CA GLY B 49 -10.46 -1.46 -6.48
C GLY B 49 -9.38 -1.88 -7.44
N LYS B 50 -8.15 -1.51 -7.15
CA LYS B 50 -7.00 -2.02 -7.90
C LYS B 50 -5.98 -2.52 -6.92
N LEU B 51 -5.58 -3.78 -7.10
CA LEU B 51 -4.61 -4.46 -6.28
C LEU B 51 -3.21 -3.95 -6.58
N ILE B 52 -2.54 -3.34 -5.61
CA ILE B 52 -1.16 -2.87 -5.81
C ILE B 52 -0.22 -4.05 -5.62
N SER B 53 -0.62 -4.97 -4.73
CA SER B 53 0.22 -6.08 -4.36
C SER B 53 -0.49 -7.06 -3.42
N GLY B 54 0.00 -8.29 -3.33
CA GLY B 54 -0.75 -9.36 -2.63
C GLY B 54 -1.90 -9.87 -3.50
N THR B 55 -2.72 -10.78 -2.96
CA THR B 55 -3.75 -11.46 -3.74
C THR B 55 -5.09 -11.58 -3.05
N VAL B 56 -6.13 -11.67 -3.87
CA VAL B 56 -7.48 -11.91 -3.44
C VAL B 56 -8.02 -13.09 -4.24
N ASP B 57 -8.99 -13.76 -3.65
CA ASP B 57 -9.87 -14.69 -4.37
C ASP B 57 -11.13 -13.89 -4.70
N GLN B 58 -11.36 -13.68 -5.99
CA GLN B 58 -12.57 -12.99 -6.44
C GLN B 58 -13.37 -13.79 -7.47
N SER B 59 -13.41 -15.11 -7.27
CA SER B 59 -14.06 -16.04 -8.16
C SER B 59 -15.59 -15.86 -8.25
N ASP B 60 -16.23 -15.37 -7.19
CA ASP B 60 -17.66 -15.01 -7.21
C ASP B 60 -17.97 -13.82 -8.15
N GLN B 61 -16.95 -13.11 -8.62
CA GLN B 61 -17.17 -11.88 -9.38
C GLN B 61 -17.52 -12.24 -10.82
N SER B 62 -18.28 -11.36 -11.48
CA SER B 62 -18.71 -11.63 -12.86
C SER B 62 -18.42 -10.45 -13.77
N PHE B 63 -18.62 -9.23 -13.28
CA PHE B 63 -18.51 -8.07 -14.15
C PHE B 63 -17.15 -7.80 -14.85
N LEU B 64 -16.03 -8.23 -14.26
CA LEU B 64 -14.70 -7.91 -14.84
C LEU B 64 -14.28 -8.89 -15.94
N ASP B 65 -13.77 -8.37 -17.05
CA ASP B 65 -13.27 -9.26 -18.11
C ASP B 65 -11.84 -9.74 -17.83
N ASP B 66 -11.48 -10.88 -18.43
CA ASP B 66 -10.16 -11.47 -18.31
C ASP B 66 -9.03 -10.46 -18.18
N ASP B 67 -8.89 -9.58 -19.17
CA ASP B 67 -7.74 -8.67 -19.24
C ASP B 67 -7.76 -7.63 -18.11
N GLN B 68 -8.95 -7.24 -17.66
CA GLN B 68 -9.11 -6.35 -16.50
C GLN B 68 -8.65 -6.96 -15.17
N ILE B 69 -8.74 -8.28 -15.05
CA ILE B 69 -8.20 -9.01 -13.90
C ILE B 69 -6.67 -9.03 -13.93
N GLU B 70 -6.09 -9.37 -15.09
CA GLU B 70 -4.64 -9.39 -15.33
C GLU B 70 -3.91 -8.10 -14.92
N ALA B 71 -4.53 -6.94 -15.20
CA ALA B 71 -4.02 -5.61 -14.90
C ALA B 71 -3.99 -5.38 -13.39
N GLY B 72 -5.13 -5.63 -12.75
CA GLY B 72 -5.15 -5.81 -11.32
C GLY B 72 -6.43 -5.42 -10.66
N TYR B 73 -7.51 -5.25 -11.43
CA TYR B 73 -8.78 -4.78 -10.90
C TYR B 73 -9.51 -5.85 -10.13
N VAL B 74 -10.27 -5.39 -9.14
CA VAL B 74 -10.88 -6.26 -8.18
C VAL B 74 -12.16 -5.63 -7.78
N LEU B 75 -13.15 -6.47 -7.55
CA LEU B 75 -14.43 -6.03 -7.06
C LEU B 75 -14.44 -6.35 -5.60
N THR B 76 -14.31 -5.29 -4.81
CA THR B 76 -14.16 -5.44 -3.40
C THR B 76 -15.35 -6.12 -2.70
N CYS B 77 -16.53 -6.12 -3.33
CA CYS B 77 -17.74 -6.59 -2.62
C CYS B 77 -17.71 -8.11 -2.48
N VAL B 78 -17.01 -8.78 -3.40
CA VAL B 78 -16.92 -10.24 -3.41
C VAL B 78 -15.48 -10.80 -3.50
N ALA B 79 -14.53 -10.12 -2.87
CA ALA B 79 -13.12 -10.49 -2.95
C ALA B 79 -12.64 -10.87 -1.55
N TYR B 80 -12.07 -12.08 -1.39
CA TYR B 80 -11.49 -12.51 -0.11
C TYR B 80 -9.97 -12.25 -0.18
N PRO B 81 -9.38 -11.73 0.90
CA PRO B 81 -7.94 -11.64 0.81
C PRO B 81 -7.38 -13.04 0.95
N THR B 82 -6.37 -13.34 0.17
CA THR B 82 -5.66 -14.60 0.29
C THR B 82 -4.17 -14.37 0.66
N SER B 83 -3.85 -13.14 1.06
CA SER B 83 -2.53 -12.76 1.53
C SER B 83 -2.70 -11.32 1.97
N ASP B 84 -1.66 -10.77 2.57
CA ASP B 84 -1.66 -9.38 2.97
C ASP B 84 -1.68 -8.62 1.65
N CYS B 85 -2.56 -7.64 1.52
CA CYS B 85 -2.57 -6.97 0.26
C CYS B 85 -2.86 -5.48 0.31
N VAL B 86 -2.72 -4.81 -0.82
CA VAL B 86 -2.73 -3.37 -0.85
C VAL B 86 -3.63 -2.99 -1.97
N ILE B 87 -4.68 -2.26 -1.67
CA ILE B 87 -5.75 -2.05 -2.66
C ILE B 87 -6.17 -0.58 -2.77
N GLU B 88 -5.99 0.02 -3.95
CA GLU B 88 -6.46 1.39 -4.24
C GLU B 88 -7.95 1.33 -4.55
N THR B 89 -8.74 2.08 -3.80
CA THR B 89 -10.18 2.02 -3.93
C THR B 89 -10.74 3.23 -4.72
N HIS B 90 -12.07 3.22 -4.93
CA HIS B 90 -12.78 4.18 -5.82
C HIS B 90 -12.13 4.21 -7.21
N LYS B 91 -12.25 3.10 -7.92
CA LYS B 91 -11.54 2.89 -9.18
C LYS B 91 -12.48 2.69 -10.37
N GLU B 92 -13.77 2.69 -10.11
CA GLU B 92 -14.80 2.60 -11.15
C GLU B 92 -14.46 3.52 -12.32
N GLU B 93 -14.30 4.82 -12.00
CA GLU B 93 -13.72 5.84 -12.92
C GLU B 93 -12.74 5.21 -13.91
N GLU B 94 -11.88 4.31 -13.45
CA GLU B 94 -10.80 3.78 -14.28
C GLU B 94 -11.19 2.82 -15.41
N LEU B 95 -12.30 2.08 -15.26
CA LEU B 95 -12.66 1.04 -16.22
C LEU B 95 -13.39 1.57 -17.46
FE1 FES C . 22.31 6.45 0.69
FE2 FES C . 19.91 6.09 1.99
S1 FES C . 21.50 4.68 1.64
S2 FES C . 20.53 7.72 0.70
FE1 FES D . -21.57 -4.36 -7.85
FE2 FES D . -19.48 -4.77 -5.92
S1 FES D . -21.09 -3.31 -5.99
S2 FES D . -19.64 -5.36 -7.97
#